data_6DNB
#
_entry.id   6DNB
#
_cell.length_a   84.085
_cell.length_b   84.085
_cell.length_c   210.128
_cell.angle_alpha   90.00
_cell.angle_beta   90.00
_cell.angle_gamma   120.00
#
_symmetry.space_group_name_H-M   'P 65 2 2'
#
loop_
_entity.id
_entity.type
_entity.pdbx_description
1 polymer 'Aspartate aminotransferase, cytoplasmic'
2 non-polymer 'TETRAETHYLENE GLYCOL'
3 non-polymer GLYCEROL
4 non-polymer 'PHOSPHATE ION'
5 water water
#
_entity_poly.entity_id   1
_entity_poly.type   'polypeptide(L)'
_entity_poly.pdbx_seq_one_letter_code
;PPSVFAEVPQAQPVLVFKLTADFREDPDPRKVNLGVGAYRTDDCHPWVLPVVKKVEQKIANDNSLNHEYLPILGLAEFRS
CASRLALGDDSPALKEKRVGGVQSLGGAGALRIGADFLARWYNGTNNKNTPVYVSSPTWENHNAVFSAAGFKDIRSYRYW
DAEKRGLDLQGFLNDLENAPEFSIVVLHACAHNPTGIDPTPEQWKQIASVMKHRFLFPFFDSAYQGFASGNLERDAWAIR
YFVSEGFEFFCAQAFSKNFGLYNERVGNLTVVGKEPESILQVLSQMEKIVRITWSNPPAQGARIVASTLSNPELFEEWTG
NVKTMADRILTMRSELRARLEALKTPGTWIHITDQIGMFSFTGLNPKQVEYLVNEKHIYLLPSGRINVSGLTTKNLDYVA
TSIHEAVTKIQ
;
_entity_poly.pdbx_strand_id   A
#
loop_
_chem_comp.id
_chem_comp.type
_chem_comp.name
_chem_comp.formula
GOL non-polymer GLYCEROL 'C3 H8 O3'
PG4 non-polymer 'TETRAETHYLENE GLYCOL' 'C8 H18 O5'
PO4 non-polymer 'PHOSPHATE ION' 'O4 P -3'
#
# COMPACT_ATOMS: atom_id res chain seq x y z
N PRO A 1 24.95 -42.94 -0.05
CA PRO A 1 23.50 -42.70 -0.13
C PRO A 1 23.12 -41.33 -0.76
N PRO A 2 21.82 -41.12 -1.01
CA PRO A 2 21.43 -39.87 -1.66
C PRO A 2 21.42 -38.70 -0.60
N SER A 3 21.55 -37.50 -1.10
CA SER A 3 21.27 -36.29 -0.24
C SER A 3 19.87 -36.39 0.31
N VAL A 4 19.66 -35.97 1.56
CA VAL A 4 18.35 -35.79 2.09
C VAL A 4 17.58 -34.64 1.36
N PHE A 5 18.27 -33.89 0.49
CA PHE A 5 17.64 -32.82 -0.30
C PHE A 5 17.40 -33.25 -1.78
N ALA A 6 17.68 -34.51 -2.04
CA ALA A 6 17.72 -34.96 -3.46
C ALA A 6 16.38 -34.89 -4.15
N GLU A 7 15.26 -34.99 -3.42
CA GLU A 7 13.96 -34.97 -4.07
C GLU A 7 13.27 -33.61 -3.96
N VAL A 8 14.00 -32.60 -3.49
CA VAL A 8 13.41 -31.28 -3.39
C VAL A 8 13.18 -30.68 -4.79
N PRO A 9 11.91 -30.31 -5.13
CA PRO A 9 11.66 -29.81 -6.48
C PRO A 9 12.13 -28.39 -6.62
N GLN A 10 12.36 -27.98 -7.87
CA GLN A 10 12.64 -26.58 -8.17
C GLN A 10 11.35 -25.80 -8.09
N ALA A 11 11.26 -24.81 -7.19
CA ALA A 11 10.13 -24.00 -7.06
C ALA A 11 9.88 -23.21 -8.33
N GLN A 12 8.58 -23.08 -8.57
CA GLN A 12 8.04 -22.49 -9.72
C GLN A 12 8.36 -21.00 -9.57
N PRO A 13 8.87 -20.38 -10.64
CA PRO A 13 9.03 -18.92 -10.47
C PRO A 13 7.67 -18.16 -10.32
N VAL A 14 7.74 -17.02 -9.63
CA VAL A 14 6.62 -16.16 -9.32
C VAL A 14 6.52 -15.04 -10.37
N LEU A 15 5.30 -14.75 -10.86
CA LEU A 15 5.12 -13.92 -12.06
C LEU A 15 5.78 -12.50 -11.92
N VAL A 16 5.62 -11.85 -10.78
CA VAL A 16 6.24 -10.49 -10.65
C VAL A 16 7.79 -10.50 -10.82
N PHE A 17 8.39 -11.56 -10.32
CA PHE A 17 9.82 -11.80 -10.55
CA PHE A 17 9.80 -11.77 -10.54
C PHE A 17 10.11 -12.20 -11.96
N LYS A 18 9.34 -13.16 -12.48
CA LYS A 18 9.64 -13.65 -13.81
C LYS A 18 9.47 -12.56 -14.88
N LEU A 19 8.51 -11.66 -14.70
CA LEU A 19 8.24 -10.66 -15.70
C LEU A 19 9.48 -9.77 -15.85
N THR A 20 10.10 -9.41 -14.75
CA THR A 20 11.31 -8.61 -14.77
C THR A 20 12.51 -9.40 -15.33
N ALA A 21 12.61 -10.63 -14.91
CA ALA A 21 13.64 -11.51 -15.51
C ALA A 21 13.53 -11.67 -17.05
N ASP A 22 12.33 -11.84 -17.57
CA ASP A 22 12.05 -11.91 -18.99
C ASP A 22 12.49 -10.57 -19.61
N PHE A 23 12.10 -9.44 -18.98
CA PHE A 23 12.50 -8.12 -19.50
C PHE A 23 14.01 -8.02 -19.61
N ARG A 24 14.70 -8.43 -18.56
CA ARG A 24 16.17 -8.37 -18.50
C ARG A 24 16.83 -9.09 -19.65
N GLU A 25 16.34 -10.26 -19.91
CA GLU A 25 16.82 -11.13 -20.93
C GLU A 25 16.56 -10.72 -22.33
N ASP A 26 15.52 -9.93 -22.51
CA ASP A 26 15.02 -9.60 -23.82
C ASP A 26 16.06 -8.73 -24.56
N PRO A 27 16.53 -9.22 -25.74
CA PRO A 27 17.44 -8.39 -26.55
C PRO A 27 16.77 -7.29 -27.37
N ASP A 28 15.45 -7.19 -27.37
CA ASP A 28 14.81 -6.20 -28.17
C ASP A 28 15.05 -4.76 -27.65
N PRO A 29 15.49 -3.82 -28.51
CA PRO A 29 15.80 -2.53 -27.95
C PRO A 29 14.66 -1.66 -27.57
N ARG A 30 13.45 -2.00 -27.97
CA ARG A 30 12.27 -1.20 -27.64
C ARG A 30 11.73 -1.51 -26.24
N LYS A 31 12.29 -2.53 -25.59
CA LYS A 31 11.66 -3.11 -24.34
C LYS A 31 11.45 -2.03 -23.28
N VAL A 32 10.32 -2.14 -22.61
CA VAL A 32 9.93 -1.26 -21.50
C VAL A 32 9.43 -2.13 -20.35
N ASN A 33 9.92 -1.89 -19.14
CA ASN A 33 9.42 -2.64 -17.97
C ASN A 33 8.39 -1.78 -17.26
N LEU A 34 7.12 -2.12 -17.36
CA LEU A 34 6.04 -1.45 -16.59
C LEU A 34 5.64 -2.32 -15.34
N GLY A 35 6.53 -3.25 -15.00
CA GLY A 35 6.34 -4.22 -13.89
C GLY A 35 7.30 -4.11 -12.73
N VAL A 36 8.02 -3.00 -12.63
CA VAL A 36 8.97 -2.77 -11.53
C VAL A 36 8.11 -2.52 -10.26
N GLY A 37 8.53 -3.04 -9.12
CA GLY A 37 7.76 -2.91 -7.86
C GLY A 37 8.08 -1.67 -7.04
N ALA A 38 8.76 -0.72 -7.64
CA ALA A 38 9.28 0.45 -6.94
C ALA A 38 9.32 1.61 -7.90
N TYR A 39 9.40 2.84 -7.32
CA TYR A 39 9.56 4.10 -8.06
C TYR A 39 10.87 4.12 -8.91
N ARG A 40 10.72 4.53 -10.14
CA ARG A 40 11.88 4.82 -11.00
C ARG A 40 11.75 6.20 -11.61
N THR A 41 12.90 6.80 -11.87
CA THR A 41 12.96 8.13 -12.41
C THR A 41 12.69 8.11 -13.95
N ASP A 42 12.71 9.33 -14.54
CA ASP A 42 12.53 9.49 -15.96
C ASP A 42 13.64 8.77 -16.75
N ASP A 43 14.79 8.53 -16.12
CA ASP A 43 15.90 7.73 -16.69
C ASP A 43 15.97 6.34 -16.21
N CYS A 44 14.86 5.81 -15.70
CA CYS A 44 14.75 4.36 -15.37
C CYS A 44 15.62 3.89 -14.17
N HIS A 45 16.04 4.84 -13.32
CA HIS A 45 16.91 4.58 -12.20
C HIS A 45 16.17 4.65 -10.86
N PRO A 46 16.66 3.84 -9.92
CA PRO A 46 16.23 4.01 -8.51
C PRO A 46 16.49 5.45 -8.05
N TRP A 47 15.75 5.90 -7.08
CA TRP A 47 15.88 7.28 -6.55
C TRP A 47 16.00 7.23 -5.06
N VAL A 48 17.16 7.64 -4.52
CA VAL A 48 17.35 7.85 -3.10
C VAL A 48 16.90 9.23 -2.73
N LEU A 49 15.96 9.34 -1.81
CA LEU A 49 15.46 10.63 -1.44
C LEU A 49 16.62 11.43 -0.84
N PRO A 50 16.82 12.68 -1.31
CA PRO A 50 17.81 13.53 -0.69
C PRO A 50 17.76 13.69 0.85
N VAL A 51 16.58 13.76 1.37
CA VAL A 51 16.45 13.90 2.82
C VAL A 51 16.91 12.63 3.52
N VAL A 52 16.76 11.45 2.88
CA VAL A 52 17.23 10.21 3.49
C VAL A 52 18.74 10.16 3.53
N LYS A 53 19.41 10.62 2.49
CA LYS A 53 20.83 10.63 2.49
C LYS A 53 21.36 11.56 3.62
N LYS A 54 20.74 12.70 3.76
CA LYS A 54 21.12 13.68 4.80
C LYS A 54 20.96 13.07 6.21
N VAL A 55 19.82 12.44 6.43
CA VAL A 55 19.55 11.84 7.72
C VAL A 55 20.47 10.66 8.02
N GLU A 56 20.79 9.84 7.02
CA GLU A 56 21.74 8.79 7.22
C GLU A 56 23.10 9.34 7.67
N GLN A 57 23.53 10.45 7.11
CA GLN A 57 24.79 11.08 7.61
C GLN A 57 24.66 11.50 9.06
N LYS A 58 23.58 12.12 9.43
CA LYS A 58 23.39 12.50 10.81
C LYS A 58 23.44 11.28 11.74
N ILE A 59 22.73 10.20 11.37
CA ILE A 59 22.77 9.03 12.21
C ILE A 59 24.14 8.46 12.35
N ALA A 60 24.89 8.36 11.25
CA ALA A 60 26.20 7.74 11.29
C ALA A 60 27.13 8.57 12.17
N ASN A 61 26.89 9.87 12.20
CA ASN A 61 27.78 10.75 12.99
C ASN A 61 27.33 10.97 14.40
N ASP A 62 26.20 10.37 14.80
CA ASP A 62 25.70 10.55 16.12
C ASP A 62 26.39 9.51 17.05
N ASN A 63 27.41 9.95 17.79
CA ASN A 63 28.07 9.11 18.79
C ASN A 63 27.29 8.80 20.08
N SER A 64 26.13 9.33 20.26
CA SER A 64 25.31 8.93 21.38
C SER A 64 24.60 7.61 21.15
N LEU A 65 24.46 7.22 19.88
CA LEU A 65 23.64 6.03 19.58
C LEU A 65 24.36 4.76 19.94
N ASN A 66 23.60 3.75 20.40
CA ASN A 66 24.16 2.43 20.61
C ASN A 66 23.31 1.47 19.79
N HIS A 67 23.65 0.19 19.91
CA HIS A 67 22.98 -0.84 19.14
C HIS A 67 22.21 -1.79 20.06
N GLU A 68 21.86 -1.34 21.26
CA GLU A 68 21.12 -2.22 22.18
C GLU A 68 19.67 -2.38 21.69
N TYR A 69 19.00 -3.37 22.28
CA TYR A 69 17.64 -3.72 21.88
C TYR A 69 16.75 -2.54 22.07
N LEU A 70 15.90 -2.30 21.06
CA LEU A 70 14.82 -1.34 21.18
C LEU A 70 13.72 -1.93 22.15
N PRO A 71 12.88 -1.07 22.70
CA PRO A 71 11.69 -1.67 23.31
C PRO A 71 11.01 -2.66 22.37
N ILE A 72 10.32 -3.66 22.94
CA ILE A 72 9.69 -4.67 22.14
C ILE A 72 8.71 -4.02 21.10
N LEU A 73 7.94 -3.01 21.53
CA LEU A 73 6.97 -2.31 20.64
C LEU A 73 7.69 -1.39 19.60
N GLY A 74 8.98 -1.14 19.79
CA GLY A 74 9.78 -0.39 18.81
C GLY A 74 10.28 0.95 19.33
N LEU A 75 10.97 1.65 18.45
CA LEU A 75 11.54 2.98 18.73
C LEU A 75 10.39 3.92 18.99
N ALA A 76 10.36 4.47 20.21
CA ALA A 76 9.22 5.27 20.64
C ALA A 76 8.97 6.48 19.70
N GLU A 77 10.05 7.16 19.37
CA GLU A 77 9.86 8.32 18.48
C GLU A 77 9.29 7.97 17.10
N PHE A 78 9.73 6.82 16.54
CA PHE A 78 9.15 6.34 15.30
C PHE A 78 7.65 6.09 15.43
N ARG A 79 7.26 5.35 16.45
CA ARG A 79 5.87 4.98 16.61
C ARG A 79 5.02 6.26 16.74
N SER A 80 5.45 7.20 17.59
CA SER A 80 4.68 8.40 17.84
C SER A 80 4.56 9.26 16.51
N CYS A 81 5.69 9.47 15.89
CA CYS A 81 5.74 10.22 14.58
C CYS A 81 4.85 9.55 13.45
N ALA A 82 4.94 8.21 13.35
CA ALA A 82 4.17 7.54 12.35
C ALA A 82 2.68 7.68 12.55
N SER A 83 2.28 7.54 13.84
CA SER A 83 0.89 7.78 14.16
C SER A 83 0.40 9.23 13.91
N ARG A 84 1.25 10.17 14.30
CA ARG A 84 1.00 11.59 14.08
C ARG A 84 0.83 11.83 12.55
N LEU A 85 1.69 11.18 11.74
CA LEU A 85 1.59 11.34 10.27
C LEU A 85 0.22 10.91 9.76
N ALA A 86 -0.33 9.77 10.22
CA ALA A 86 -1.59 9.34 9.72
C ALA A 86 -2.76 10.18 10.18
N LEU A 87 -2.69 10.51 11.47
CA LEU A 87 -3.82 11.14 12.15
C LEU A 87 -3.87 12.66 12.10
N GLY A 88 -2.72 13.25 11.97
CA GLY A 88 -2.59 14.71 11.99
C GLY A 88 -2.25 15.19 13.40
N ASP A 89 -1.39 16.20 13.49
CA ASP A 89 -0.88 16.67 14.82
C ASP A 89 -1.95 17.14 15.75
N ASP A 90 -3.06 17.63 15.22
CA ASP A 90 -4.20 18.05 16.03
C ASP A 90 -5.36 17.05 16.15
N SER A 91 -5.07 15.78 15.90
CA SER A 91 -6.11 14.80 16.06
C SER A 91 -6.64 14.79 17.54
N PRO A 92 -7.96 14.80 17.71
CA PRO A 92 -8.62 14.56 18.99
C PRO A 92 -8.12 13.24 19.65
N ALA A 93 -7.87 12.20 18.83
CA ALA A 93 -7.41 10.93 19.41
C ALA A 93 -6.03 11.04 20.05
N LEU A 94 -5.13 11.83 19.47
CA LEU A 94 -3.83 12.02 20.01
C LEU A 94 -3.89 12.92 21.27
N LYS A 95 -4.71 13.95 21.22
CA LYS A 95 -4.91 14.85 22.38
C LYS A 95 -5.45 14.04 23.56
N GLU A 96 -6.40 13.16 23.29
CA GLU A 96 -7.05 12.33 24.31
C GLU A 96 -6.34 11.04 24.69
N LYS A 97 -5.12 10.87 24.17
CA LYS A 97 -4.22 9.77 24.48
C LYS A 97 -4.87 8.44 24.23
N ARG A 98 -5.60 8.31 23.11
CA ARG A 98 -6.25 7.04 22.83
C ARG A 98 -5.72 6.37 21.52
N VAL A 99 -4.43 6.52 21.40
CA VAL A 99 -3.65 6.02 20.23
C VAL A 99 -2.48 5.25 20.69
N GLY A 100 -2.22 4.09 20.04
CA GLY A 100 -0.99 3.42 20.21
C GLY A 100 -0.34 3.14 18.86
N GLY A 101 0.91 2.82 18.93
CA GLY A 101 1.73 2.40 17.78
C GLY A 101 2.67 1.29 18.08
N VAL A 102 2.80 0.38 17.14
CA VAL A 102 3.69 -0.72 17.22
C VAL A 102 4.55 -0.76 15.95
N GLN A 103 5.85 -0.66 16.11
CA GLN A 103 6.78 -0.83 14.99
C GLN A 103 6.74 -2.24 14.45
N SER A 104 6.77 -2.34 13.11
CA SER A 104 6.62 -3.59 12.41
C SER A 104 7.55 -3.76 11.26
N LEU A 105 7.70 -5.01 10.85
CA LEU A 105 8.51 -5.37 9.65
C LEU A 105 7.68 -5.01 8.39
N GLY A 106 7.75 -3.76 7.98
CA GLY A 106 6.97 -3.19 6.86
C GLY A 106 5.48 -3.17 7.08
N GLY A 107 4.75 -2.76 6.06
CA GLY A 107 3.31 -2.70 6.14
C GLY A 107 2.75 -4.13 6.34
N ALA A 108 3.30 -5.12 5.69
CA ALA A 108 2.87 -6.51 5.89
C ALA A 108 3.01 -6.97 7.29
N GLY A 109 4.09 -6.58 7.97
CA GLY A 109 4.29 -6.86 9.38
C GLY A 109 3.23 -6.23 10.24
N ALA A 110 2.86 -4.97 9.91
CA ALA A 110 1.83 -4.27 10.70
C ALA A 110 0.48 -4.99 10.53
N LEU A 111 0.19 -5.43 9.32
CA LEU A 111 -1.06 -6.14 9.07
C LEU A 111 -1.04 -7.48 9.84
N ARG A 112 0.10 -8.17 9.82
CA ARG A 112 0.22 -9.43 10.59
C ARG A 112 0.04 -9.29 12.11
N ILE A 113 0.71 -8.30 12.70
CA ILE A 113 0.55 -8.06 14.13
C ILE A 113 -0.94 -7.74 14.44
N GLY A 114 -1.58 -6.94 13.60
CA GLY A 114 -2.97 -6.58 13.84
C GLY A 114 -3.86 -7.81 13.71
N ALA A 115 -3.61 -8.59 12.67
CA ALA A 115 -4.42 -9.79 12.41
C ALA A 115 -4.34 -10.75 13.61
N ASP A 116 -3.11 -10.99 14.09
CA ASP A 116 -2.81 -11.91 15.21
C ASP A 116 -3.54 -11.42 16.44
N PHE A 117 -3.53 -10.11 16.64
CA PHE A 117 -4.26 -9.51 17.75
C PHE A 117 -5.77 -9.77 17.63
N LEU A 118 -6.34 -9.50 16.48
CA LEU A 118 -7.79 -9.70 16.24
C LEU A 118 -8.19 -11.15 16.46
N ALA A 119 -7.36 -12.06 16.07
CA ALA A 119 -7.65 -13.48 16.18
C ALA A 119 -7.67 -13.97 17.61
N ARG A 120 -7.11 -13.17 18.49
CA ARG A 120 -6.97 -13.50 19.91
C ARG A 120 -7.94 -12.75 20.74
N TRP A 121 -8.21 -11.45 20.51
CA TRP A 121 -8.86 -10.59 21.48
C TRP A 121 -10.07 -9.85 20.99
N TYR A 122 -10.40 -9.95 19.68
CA TYR A 122 -11.49 -9.14 19.08
C TYR A 122 -12.69 -10.03 18.73
N ASN A 123 -13.88 -9.47 19.04
CA ASN A 123 -15.16 -10.13 18.72
C ASN A 123 -15.26 -11.45 19.43
N GLY A 124 -14.81 -11.43 20.69
CA GLY A 124 -14.69 -12.64 21.47
C GLY A 124 -13.23 -12.96 21.64
N THR A 125 -12.94 -14.00 22.36
CA THR A 125 -11.56 -14.39 22.62
C THR A 125 -11.30 -15.60 21.77
N ASN A 126 -10.12 -15.65 21.11
CA ASN A 126 -9.74 -16.75 20.27
C ASN A 126 -10.80 -17.06 19.23
N ASN A 127 -11.33 -16.05 18.57
CA ASN A 127 -12.43 -16.17 17.56
C ASN A 127 -11.77 -15.98 16.15
N LYS A 128 -11.48 -17.11 15.54
CA LYS A 128 -10.96 -17.17 14.17
CA LYS A 128 -10.95 -17.14 14.18
C LYS A 128 -12.07 -17.21 13.11
N ASN A 129 -13.32 -17.09 13.51
CA ASN A 129 -14.47 -17.11 12.59
C ASN A 129 -15.01 -15.76 12.19
N THR A 130 -14.53 -14.64 12.78
CA THR A 130 -14.98 -13.38 12.37
C THR A 130 -14.68 -13.20 10.86
N PRO A 131 -15.69 -12.87 10.05
CA PRO A 131 -15.33 -12.67 8.63
C PRO A 131 -14.36 -11.50 8.39
N VAL A 132 -13.46 -11.69 7.47
CA VAL A 132 -12.53 -10.67 7.03
C VAL A 132 -12.81 -10.40 5.54
N TYR A 133 -13.20 -9.19 5.28
CA TYR A 133 -13.52 -8.67 3.96
C TYR A 133 -12.31 -7.93 3.35
N VAL A 134 -11.94 -8.33 2.15
CA VAL A 134 -10.86 -7.68 1.36
C VAL A 134 -11.39 -7.28 -0.02
N SER A 135 -10.77 -6.26 -0.63
CA SER A 135 -11.31 -5.82 -1.91
C SER A 135 -11.07 -6.79 -3.07
N SER A 136 -11.91 -6.64 -4.08
CA SER A 136 -11.81 -7.44 -5.28
C SER A 136 -11.41 -6.55 -6.47
N PRO A 137 -10.20 -6.68 -6.99
CA PRO A 137 -9.12 -7.45 -6.41
C PRO A 137 -8.38 -6.64 -5.35
N THR A 138 -7.34 -7.26 -4.85
CA THR A 138 -6.53 -6.55 -3.83
C THR A 138 -5.10 -7.01 -3.85
N TRP A 139 -4.31 -6.41 -2.96
CA TRP A 139 -2.93 -6.85 -2.74
C TRP A 139 -3.02 -8.27 -2.12
N GLU A 140 -2.32 -9.24 -2.70
CA GLU A 140 -2.36 -10.64 -2.24
C GLU A 140 -2.05 -10.79 -0.76
N ASN A 141 -1.26 -9.86 -0.22
CA ASN A 141 -0.90 -9.97 1.14
C ASN A 141 -2.05 -9.76 2.04
N HIS A 142 -3.09 -9.06 1.60
CA HIS A 142 -4.26 -8.97 2.46
C HIS A 142 -4.80 -10.36 2.80
N ASN A 143 -5.18 -11.11 1.81
CA ASN A 143 -5.69 -12.47 2.04
C ASN A 143 -4.70 -13.34 2.75
N ALA A 144 -3.44 -13.34 2.31
CA ALA A 144 -2.43 -14.20 2.86
C ALA A 144 -2.12 -13.98 4.34
N VAL A 145 -2.09 -12.72 4.77
CA VAL A 145 -1.80 -12.43 6.12
C VAL A 145 -2.91 -12.91 7.04
N PHE A 146 -4.13 -12.63 6.64
CA PHE A 146 -5.25 -13.02 7.52
C PHE A 146 -5.41 -14.54 7.51
N SER A 147 -5.19 -15.19 6.39
CA SER A 147 -5.18 -16.68 6.32
CA SER A 147 -5.21 -16.67 6.39
C SER A 147 -4.13 -17.22 7.32
N ALA A 148 -2.91 -16.69 7.22
CA ALA A 148 -1.85 -17.14 8.04
C ALA A 148 -2.13 -16.94 9.52
N ALA A 149 -2.85 -15.88 9.89
CA ALA A 149 -3.23 -15.57 11.27
C ALA A 149 -4.33 -16.51 11.80
N GLY A 150 -4.93 -17.29 10.89
CA GLY A 150 -5.90 -18.34 11.22
C GLY A 150 -7.31 -18.01 10.93
N PHE A 151 -7.57 -16.87 10.29
CA PHE A 151 -8.95 -16.54 9.96
C PHE A 151 -9.51 -17.50 8.90
N LYS A 152 -10.63 -18.13 9.24
CA LYS A 152 -11.18 -19.17 8.40
C LYS A 152 -12.12 -18.75 7.28
N ASP A 153 -12.64 -17.51 7.36
CA ASP A 153 -13.70 -17.01 6.53
C ASP A 153 -13.27 -15.64 5.97
N ILE A 154 -12.51 -15.72 4.88
CA ILE A 154 -12.03 -14.53 4.17
C ILE A 154 -12.91 -14.31 2.95
N ARG A 155 -13.51 -13.12 2.86
CA ARG A 155 -14.50 -12.79 1.84
C ARG A 155 -14.06 -11.56 1.04
N SER A 156 -14.62 -11.40 -0.16
CA SER A 156 -14.40 -10.23 -1.00
C SER A 156 -15.53 -9.25 -0.92
N TYR A 157 -15.21 -7.99 -0.98
CA TYR A 157 -16.16 -7.01 -1.38
C TYR A 157 -15.91 -6.56 -2.84
N ARG A 158 -17.01 -6.36 -3.58
CA ARG A 158 -16.90 -5.88 -4.96
C ARG A 158 -16.21 -4.50 -4.91
N TYR A 159 -15.37 -4.27 -5.94
CA TYR A 159 -14.59 -3.06 -5.94
C TYR A 159 -14.30 -2.60 -7.39
N TRP A 160 -13.46 -3.33 -8.07
CA TRP A 160 -13.19 -3.02 -9.53
C TRP A 160 -14.26 -3.60 -10.46
N ASP A 161 -14.74 -2.74 -11.33
CA ASP A 161 -15.67 -3.10 -12.40
C ASP A 161 -14.90 -2.90 -13.73
N ALA A 162 -14.61 -4.02 -14.41
CA ALA A 162 -13.74 -4.07 -15.59
C ALA A 162 -14.43 -3.41 -16.77
N GLU A 163 -15.75 -3.45 -16.77
CA GLU A 163 -16.54 -2.90 -17.89
C GLU A 163 -16.46 -1.39 -17.80
N LYS A 164 -16.79 -0.86 -16.63
CA LYS A 164 -16.79 0.59 -16.36
C LYS A 164 -15.38 1.20 -16.23
N ARG A 165 -14.43 0.32 -16.00
CA ARG A 165 -13.03 0.70 -15.54
C ARG A 165 -13.06 1.63 -14.35
N GLY A 166 -13.70 1.20 -13.26
CA GLY A 166 -13.84 2.11 -12.16
C GLY A 166 -14.47 1.38 -10.96
N LEU A 167 -14.87 2.17 -10.01
CA LEU A 167 -15.30 1.66 -8.70
C LEU A 167 -16.76 1.20 -8.72
N ASP A 168 -17.01 -0.04 -8.32
CA ASP A 168 -18.35 -0.56 -8.07
C ASP A 168 -18.75 -0.17 -6.69
N LEU A 169 -19.10 1.09 -6.48
CA LEU A 169 -19.45 1.56 -5.14
C LEU A 169 -20.71 0.81 -4.60
N GLN A 170 -21.68 0.56 -5.48
CA GLN A 170 -22.91 -0.03 -4.99
C GLN A 170 -22.69 -1.43 -4.57
N GLY A 171 -21.88 -2.19 -5.30
CA GLY A 171 -21.57 -3.56 -4.94
C GLY A 171 -20.80 -3.64 -3.58
N PHE A 172 -19.81 -2.76 -3.44
CA PHE A 172 -18.99 -2.56 -2.21
C PHE A 172 -19.94 -2.29 -1.01
N LEU A 173 -20.78 -1.27 -1.16
CA LEU A 173 -21.76 -0.99 -0.11
C LEU A 173 -22.71 -2.10 0.17
N ASN A 174 -23.19 -2.77 -0.88
CA ASN A 174 -24.11 -3.90 -0.73
C ASN A 174 -23.40 -5.04 0.05
N ASP A 175 -22.14 -5.31 -0.30
CA ASP A 175 -21.40 -6.36 0.38
C ASP A 175 -21.15 -5.98 1.85
N LEU A 176 -20.98 -4.71 2.15
CA LEU A 176 -20.84 -4.30 3.52
C LEU A 176 -22.19 -4.40 4.28
N GLU A 177 -23.29 -4.15 3.57
CA GLU A 177 -24.59 -4.22 4.24
C GLU A 177 -24.92 -5.63 4.59
N ASN A 178 -24.49 -6.60 3.78
CA ASN A 178 -24.64 -8.00 4.08
C ASN A 178 -23.60 -8.69 4.98
N ALA A 179 -22.58 -7.93 5.39
CA ALA A 179 -21.55 -8.44 6.27
C ALA A 179 -22.12 -8.71 7.66
N PRO A 180 -21.76 -9.87 8.24
CA PRO A 180 -22.17 -10.08 9.63
C PRO A 180 -21.67 -8.91 10.51
N GLU A 181 -22.48 -8.45 11.48
CA GLU A 181 -22.00 -7.47 12.42
C GLU A 181 -20.63 -7.87 12.99
N PHE A 182 -19.79 -6.90 13.24
CA PHE A 182 -18.40 -7.06 13.75
C PHE A 182 -17.35 -7.63 12.78
N SER A 183 -17.71 -7.92 11.52
CA SER A 183 -16.71 -8.33 10.50
C SER A 183 -15.64 -7.26 10.37
N ILE A 184 -14.47 -7.77 10.01
CA ILE A 184 -13.28 -6.89 9.80
C ILE A 184 -13.29 -6.54 8.31
N VAL A 185 -13.03 -5.25 8.02
CA VAL A 185 -12.99 -4.81 6.62
C VAL A 185 -11.58 -4.20 6.41
N VAL A 186 -10.86 -4.80 5.50
CA VAL A 186 -9.54 -4.25 5.16
C VAL A 186 -9.71 -3.20 4.07
N LEU A 187 -9.39 -1.96 4.38
CA LEU A 187 -9.61 -0.78 3.58
C LEU A 187 -8.24 -0.21 3.11
N HIS A 188 -8.18 0.11 1.84
CA HIS A 188 -6.96 0.75 1.29
C HIS A 188 -7.14 2.26 1.52
N ALA A 189 -6.30 2.87 2.35
CA ALA A 189 -6.51 4.25 2.74
C ALA A 189 -6.43 5.22 1.56
N CYS A 190 -5.51 4.94 0.63
CA CYS A 190 -5.45 5.70 -0.61
CA CYS A 190 -5.29 5.80 -0.51
C CYS A 190 -4.54 4.95 -1.53
N ALA A 191 -4.63 5.26 -2.81
CA ALA A 191 -3.83 4.51 -3.86
C ALA A 191 -4.08 3.02 -3.79
N HIS A 192 -5.33 2.66 -4.05
CA HIS A 192 -5.77 1.28 -4.01
C HIS A 192 -4.84 0.39 -4.76
N ASN A 193 -4.46 -0.74 -4.16
CA ASN A 193 -3.53 -1.65 -4.85
C ASN A 193 -4.38 -2.89 -5.17
N PRO A 194 -4.53 -3.30 -6.43
CA PRO A 194 -3.66 -2.94 -7.56
C PRO A 194 -4.22 -1.93 -8.56
N THR A 195 -5.44 -1.42 -8.38
CA THR A 195 -6.16 -0.74 -9.42
C THR A 195 -5.82 0.73 -9.56
N GLY A 196 -5.53 1.35 -8.45
CA GLY A 196 -5.41 2.80 -8.37
C GLY A 196 -6.71 3.59 -8.17
N ILE A 197 -7.93 3.02 -8.23
CA ILE A 197 -9.09 3.93 -7.98
C ILE A 197 -9.53 3.84 -6.53
N ASP A 198 -9.77 5.02 -6.02
CA ASP A 198 -10.07 5.23 -4.62
C ASP A 198 -11.49 5.77 -4.56
N PRO A 199 -12.17 5.51 -3.45
CA PRO A 199 -13.37 6.29 -3.21
C PRO A 199 -13.11 7.73 -3.06
N THR A 200 -14.03 8.58 -3.55
CA THR A 200 -13.90 10.00 -3.31
C THR A 200 -14.34 10.28 -1.87
N PRO A 201 -14.02 11.44 -1.34
CA PRO A 201 -14.38 11.73 0.06
C PRO A 201 -15.88 11.55 0.35
N GLU A 202 -16.74 11.92 -0.58
CA GLU A 202 -18.16 11.66 -0.40
C GLU A 202 -18.50 10.17 -0.44
N GLN A 203 -17.80 9.38 -1.26
CA GLN A 203 -18.06 7.96 -1.28
C GLN A 203 -17.57 7.31 0.04
N TRP A 204 -16.45 7.80 0.54
CA TRP A 204 -15.91 7.34 1.86
C TRP A 204 -16.96 7.55 2.96
N LYS A 205 -17.77 8.60 2.84
CA LYS A 205 -18.83 8.91 3.81
C LYS A 205 -19.89 7.83 3.82
N GLN A 206 -20.18 7.31 2.64
CA GLN A 206 -21.16 6.28 2.49
C GLN A 206 -20.63 4.95 3.04
N ILE A 207 -19.37 4.67 2.71
CA ILE A 207 -18.76 3.42 3.23
C ILE A 207 -18.78 3.45 4.78
N ALA A 208 -18.39 4.57 5.36
CA ALA A 208 -18.34 4.80 6.80
C ALA A 208 -19.68 4.63 7.44
N SER A 209 -20.69 5.15 6.76
CA SER A 209 -22.04 5.02 7.31
C SER A 209 -22.49 3.57 7.50
N VAL A 210 -22.27 2.71 6.51
CA VAL A 210 -22.62 1.32 6.55
C VAL A 210 -21.77 0.59 7.63
N MET A 211 -20.47 0.90 7.62
CA MET A 211 -19.57 0.33 8.64
C MET A 211 -20.05 0.68 10.05
N LYS A 212 -20.43 1.92 10.26
CA LYS A 212 -20.86 2.35 11.57
C LYS A 212 -22.10 1.57 11.98
N HIS A 213 -23.04 1.44 11.07
CA HIS A 213 -24.36 0.90 11.39
C HIS A 213 -24.26 -0.59 11.65
N ARG A 214 -23.26 -1.26 11.05
CA ARG A 214 -23.09 -2.69 11.21
C ARG A 214 -21.92 -3.12 12.13
N PHE A 215 -21.34 -2.12 12.78
CA PHE A 215 -20.32 -2.23 13.81
C PHE A 215 -19.13 -2.95 13.18
N LEU A 216 -18.81 -2.57 11.95
CA LEU A 216 -17.70 -3.28 11.23
C LEU A 216 -16.38 -2.67 11.66
N PHE A 217 -15.33 -3.53 11.73
CA PHE A 217 -14.01 -3.11 12.25
C PHE A 217 -13.15 -2.63 11.05
N PRO A 218 -12.76 -1.34 11.00
CA PRO A 218 -11.89 -0.92 9.89
C PRO A 218 -10.48 -1.35 10.18
N PHE A 219 -9.82 -1.98 9.19
CA PHE A 219 -8.42 -2.17 9.27
C PHE A 219 -7.83 -1.47 8.00
N PHE A 220 -7.32 -0.27 8.16
CA PHE A 220 -6.74 0.46 7.02
C PHE A 220 -5.38 -0.08 6.71
N ASP A 221 -5.05 -0.07 5.42
CA ASP A 221 -3.68 -0.29 4.96
C ASP A 221 -3.30 1.01 4.31
N SER A 222 -2.31 1.71 4.91
CA SER A 222 -1.81 3.01 4.44
C SER A 222 -0.37 2.85 3.97
N ALA A 223 -0.19 2.31 2.76
CA ALA A 223 1.12 2.03 2.26
C ALA A 223 1.76 3.14 1.49
N TYR A 224 0.97 4.17 1.15
CA TYR A 224 1.42 5.21 0.15
C TYR A 224 1.16 6.62 0.58
N GLN A 225 1.02 6.86 1.88
CA GLN A 225 0.61 8.24 2.32
C GLN A 225 1.68 9.25 1.87
N GLY A 226 1.23 10.30 1.20
CA GLY A 226 2.11 11.38 0.72
C GLY A 226 2.63 11.06 -0.67
N PHE A 227 3.00 9.82 -0.87
CA PHE A 227 3.48 9.34 -2.19
C PHE A 227 2.38 9.33 -3.26
N ALA A 228 1.13 9.12 -2.86
CA ALA A 228 0.00 9.05 -3.79
C ALA A 228 -0.36 10.37 -4.41
N SER A 229 -0.61 11.36 -3.59
CA SER A 229 -1.00 12.70 -4.17
C SER A 229 0.06 13.75 -3.98
N GLY A 230 1.06 13.50 -3.17
CA GLY A 230 1.99 14.53 -2.77
C GLY A 230 1.51 15.37 -1.64
N ASN A 231 0.30 15.13 -1.16
CA ASN A 231 -0.25 15.91 -0.06
C ASN A 231 -0.65 14.91 1.06
N LEU A 232 0.04 15.03 2.15
CA LEU A 232 -0.14 14.02 3.28
C LEU A 232 -1.48 14.03 3.87
N GLU A 233 -2.07 15.21 4.04
CA GLU A 233 -3.46 15.33 4.54
CA GLU A 233 -3.41 15.23 4.61
C GLU A 233 -4.48 14.68 3.70
N ARG A 234 -4.40 15.01 2.38
CA ARG A 234 -5.31 14.48 1.50
C ARG A 234 -5.28 12.96 1.52
N ASP A 235 -4.06 12.45 1.53
CA ASP A 235 -3.84 11.01 1.44
C ASP A 235 -4.36 10.28 2.68
N ALA A 236 -4.46 11.01 3.78
CA ALA A 236 -4.94 10.44 5.08
C ALA A 236 -6.39 10.86 5.34
N TRP A 237 -7.06 11.48 4.34
CA TRP A 237 -8.40 12.01 4.59
C TRP A 237 -9.37 10.98 5.16
N ALA A 238 -9.41 9.76 4.62
CA ALA A 238 -10.41 8.81 5.01
C ALA A 238 -10.11 8.36 6.45
N ILE A 239 -8.83 8.11 6.70
CA ILE A 239 -8.36 7.75 8.05
C ILE A 239 -8.83 8.78 9.09
N ARG A 240 -8.59 10.05 8.78
CA ARG A 240 -8.90 11.16 9.71
C ARG A 240 -10.42 11.37 9.81
N TYR A 241 -11.14 11.08 8.75
CA TYR A 241 -12.58 11.13 8.76
C TYR A 241 -13.13 10.06 9.67
N PHE A 242 -12.58 8.85 9.57
CA PHE A 242 -13.05 7.76 10.41
C PHE A 242 -12.82 8.13 11.92
N VAL A 243 -11.68 8.75 12.24
CA VAL A 243 -11.43 9.21 13.63
C VAL A 243 -12.55 10.15 14.05
N SER A 244 -12.80 11.13 13.22
CA SER A 244 -13.82 12.15 13.56
C SER A 244 -15.21 11.58 13.70
N GLU A 245 -15.51 10.49 13.03
CA GLU A 245 -16.75 9.78 13.20
C GLU A 245 -16.81 8.80 14.41
N GLY A 246 -15.79 8.78 15.24
CA GLY A 246 -15.83 7.99 16.44
C GLY A 246 -15.43 6.53 16.25
N PHE A 247 -14.85 6.19 15.10
CA PHE A 247 -14.41 4.78 14.90
C PHE A 247 -13.19 4.43 15.77
N GLU A 248 -13.17 3.16 16.17
CA GLU A 248 -11.98 2.47 16.67
C GLU A 248 -11.47 1.71 15.46
N PHE A 249 -10.13 1.65 15.30
CA PHE A 249 -9.64 0.94 14.12
C PHE A 249 -8.15 0.70 14.21
N PHE A 250 -7.68 -0.18 13.35
CA PHE A 250 -6.26 -0.29 13.14
C PHE A 250 -5.85 0.30 11.79
N CYS A 251 -4.58 0.69 11.72
CA CYS A 251 -4.09 1.25 10.44
C CYS A 251 -2.62 0.79 10.29
N ALA A 252 -2.40 -0.13 9.35
CA ALA A 252 -1.03 -0.56 8.98
C ALA A 252 -0.37 0.46 8.11
N GLN A 253 0.79 0.91 8.47
CA GLN A 253 1.51 1.96 7.73
C GLN A 253 2.80 1.40 7.19
N ALA A 254 3.15 1.77 5.97
CA ALA A 254 4.42 1.34 5.34
C ALA A 254 5.15 2.61 4.94
N PHE A 255 6.44 2.51 4.99
CA PHE A 255 7.36 3.62 4.62
C PHE A 255 8.33 3.27 3.48
N SER A 256 8.08 2.18 2.78
CA SER A 256 8.93 1.80 1.65
CA SER A 256 8.96 1.79 1.68
C SER A 256 8.83 2.77 0.50
N LYS A 257 7.62 3.08 0.03
CA LYS A 257 7.47 3.95 -1.12
C LYS A 257 7.69 5.38 -0.75
N ASN A 258 7.08 5.83 0.35
CA ASN A 258 7.12 7.28 0.65
C ASN A 258 8.48 7.70 1.24
N PHE A 259 9.33 6.79 1.71
CA PHE A 259 10.76 7.16 2.03
C PHE A 259 11.75 6.53 1.06
N GLY A 260 11.22 5.76 0.10
CA GLY A 260 12.12 4.97 -0.76
C GLY A 260 12.92 3.96 -0.02
N LEU A 261 12.46 3.54 1.17
CA LEU A 261 13.24 2.60 2.01
C LEU A 261 12.77 1.14 1.77
N TYR A 262 12.97 0.70 0.56
CA TYR A 262 12.42 -0.63 0.14
C TYR A 262 13.19 -1.70 0.91
N ASN A 263 14.52 -1.54 1.07
CA ASN A 263 15.31 -2.58 1.70
C ASN A 263 15.50 -2.35 3.18
N GLU A 264 14.70 -1.49 3.83
CA GLU A 264 14.67 -1.43 5.24
C GLU A 264 13.44 -1.98 6.00
N ARG A 265 12.40 -2.32 5.30
CA ARG A 265 11.23 -2.94 5.97
CA ARG A 265 11.22 -2.93 5.97
C ARG A 265 10.76 -2.18 7.21
N VAL A 266 10.38 -0.95 7.01
CA VAL A 266 9.85 -0.09 8.06
C VAL A 266 8.33 0.08 8.01
N GLY A 267 7.66 -0.33 9.12
CA GLY A 267 6.24 -0.21 9.20
C GLY A 267 5.80 0.17 10.61
N ASN A 268 4.54 0.59 10.71
CA ASN A 268 3.93 0.86 12.01
C ASN A 268 2.47 0.46 11.96
N LEU A 269 2.00 -0.13 13.05
CA LEU A 269 0.61 -0.34 13.29
C LEU A 269 0.04 0.67 14.23
N THR A 270 -0.79 1.56 13.72
CA THR A 270 -1.51 2.55 14.55
C THR A 270 -2.80 1.89 15.02
N VAL A 271 -3.12 2.13 16.30
CA VAL A 271 -4.36 1.65 16.95
C VAL A 271 -5.09 2.88 17.52
N VAL A 272 -6.34 3.00 17.15
CA VAL A 272 -7.18 4.12 17.65
C VAL A 272 -8.32 3.51 18.40
N GLY A 273 -8.48 3.92 19.67
CA GLY A 273 -9.53 3.36 20.51
C GLY A 273 -10.40 4.47 21.07
N LYS A 274 -11.52 4.07 21.66
CA LYS A 274 -12.42 5.01 22.38
C LYS A 274 -11.80 5.59 23.63
N GLU A 275 -10.95 4.83 24.29
CA GLU A 275 -10.38 5.29 25.53
C GLU A 275 -8.98 4.85 25.89
N PRO A 276 -8.27 5.73 26.62
CA PRO A 276 -6.85 5.59 26.84
C PRO A 276 -6.44 4.35 27.54
N GLU A 277 -7.25 3.91 28.50
CA GLU A 277 -6.85 2.84 29.40
C GLU A 277 -6.74 1.55 28.66
N SER A 278 -7.76 1.22 27.87
CA SER A 278 -7.75 -0.10 27.19
C SER A 278 -6.68 -0.08 26.09
N ILE A 279 -6.31 1.09 25.56
CA ILE A 279 -5.12 1.15 24.61
C ILE A 279 -3.84 0.57 25.25
N LEU A 280 -3.58 0.86 26.54
CA LEU A 280 -2.44 0.32 27.24
C LEU A 280 -2.53 -1.24 27.33
N GLN A 281 -3.73 -1.78 27.57
CA GLN A 281 -3.94 -3.24 27.58
C GLN A 281 -3.68 -3.86 26.20
N VAL A 282 -4.20 -3.18 25.20
CA VAL A 282 -3.98 -3.57 23.78
C VAL A 282 -2.48 -3.67 23.51
N LEU A 283 -1.79 -2.61 23.86
CA LEU A 283 -0.28 -2.64 23.64
C LEU A 283 0.45 -3.68 24.46
N SER A 284 -0.02 -4.00 25.69
CA SER A 284 0.53 -5.07 26.45
C SER A 284 0.40 -6.43 25.69
N GLN A 285 -0.75 -6.66 25.02
CA GLN A 285 -0.93 -7.90 24.23
C GLN A 285 -0.11 -7.86 22.94
N MET A 286 0.01 -6.66 22.33
CA MET A 286 0.76 -6.59 21.04
C MET A 286 2.28 -6.86 21.40
N GLU A 287 2.75 -6.43 22.57
CA GLU A 287 4.10 -6.90 23.03
C GLU A 287 4.30 -8.35 23.07
N LYS A 288 3.30 -9.08 23.57
CA LYS A 288 3.41 -10.47 23.56
C LYS A 288 3.43 -11.08 22.15
N ILE A 289 2.57 -10.56 21.26
CA ILE A 289 2.50 -11.00 19.90
C ILE A 289 3.79 -10.76 19.13
N VAL A 290 4.40 -9.62 19.32
CA VAL A 290 5.62 -9.33 18.64
C VAL A 290 6.71 -10.31 19.08
N ARG A 291 6.77 -10.52 20.38
CA ARG A 291 7.79 -11.34 20.99
C ARG A 291 7.65 -12.77 20.60
N ILE A 292 6.44 -13.26 20.72
CA ILE A 292 6.07 -14.61 20.41
C ILE A 292 6.19 -15.01 18.92
N THR A 293 6.16 -14.05 18.04
CA THR A 293 6.34 -14.26 16.62
C THR A 293 7.65 -13.54 16.26
N TRP A 294 7.71 -12.94 15.11
CA TRP A 294 8.79 -12.06 14.73
C TRP A 294 9.99 -11.87 15.65
N SER A 295 9.80 -11.01 16.66
CA SER A 295 10.78 -10.44 17.62
C SER A 295 11.72 -9.52 16.85
N ASN A 296 11.57 -8.22 17.10
CA ASN A 296 12.45 -7.30 16.41
C ASN A 296 13.08 -6.43 17.37
N PRO A 297 12.69 -5.18 17.22
CA PRO A 297 12.67 -4.64 15.86
C PRO A 297 13.97 -4.11 15.41
N PRO A 298 14.26 -4.17 14.13
CA PRO A 298 15.48 -3.56 13.59
C PRO A 298 15.30 -2.06 13.64
N ALA A 299 16.40 -1.35 13.77
CA ALA A 299 16.36 0.04 14.15
C ALA A 299 16.53 0.99 12.98
N GLN A 300 17.37 0.63 12.02
CA GLN A 300 17.86 1.70 11.13
C GLN A 300 16.77 2.39 10.32
N GLY A 301 15.84 1.65 9.71
CA GLY A 301 14.77 2.31 8.97
C GLY A 301 13.93 3.21 9.84
N ALA A 302 13.52 2.68 10.98
CA ALA A 302 12.80 3.42 11.94
C ALA A 302 13.48 4.72 12.37
N ARG A 303 14.79 4.63 12.54
CA ARG A 303 15.60 5.79 12.98
C ARG A 303 15.56 6.85 11.87
N ILE A 304 15.69 6.39 10.60
CA ILE A 304 15.60 7.33 9.48
C ILE A 304 14.29 8.10 9.50
N VAL A 305 13.19 7.34 9.57
CA VAL A 305 11.89 7.94 9.55
C VAL A 305 11.63 8.82 10.77
N ALA A 306 12.03 8.38 11.98
CA ALA A 306 11.83 9.19 13.16
C ALA A 306 12.59 10.52 13.08
N SER A 307 13.81 10.40 12.64
CA SER A 307 14.69 11.59 12.62
C SER A 307 14.13 12.60 11.60
N THR A 308 13.53 12.11 10.53
CA THR A 308 12.87 12.96 9.55
C THR A 308 11.58 13.53 10.06
N LEU A 309 10.59 12.70 10.42
CA LEU A 309 9.28 13.22 10.75
C LEU A 309 9.26 14.09 12.04
N SER A 310 10.24 13.87 12.94
CA SER A 310 10.24 14.54 14.30
C SER A 310 10.75 15.94 14.13
N ASN A 311 11.35 16.20 13.00
CA ASN A 311 12.15 17.49 12.76
C ASN A 311 11.32 18.30 11.75
N PRO A 312 10.70 19.41 12.16
CA PRO A 312 9.91 20.17 11.22
C PRO A 312 10.54 20.56 9.91
N GLU A 313 11.84 20.74 9.92
CA GLU A 313 12.57 21.15 8.77
C GLU A 313 12.84 19.99 7.79
N LEU A 314 13.31 18.89 8.35
CA LEU A 314 13.43 17.65 7.57
C LEU A 314 12.06 17.16 7.10
N PHE A 315 11.00 17.26 7.91
CA PHE A 315 9.65 16.87 7.54
C PHE A 315 9.25 17.68 6.27
N GLU A 316 9.50 19.01 6.25
CA GLU A 316 9.15 19.80 5.07
C GLU A 316 9.96 19.37 3.86
N GLU A 317 11.24 19.15 4.07
CA GLU A 317 12.13 18.72 2.98
C GLU A 317 11.65 17.41 2.39
N TRP A 318 11.30 16.52 3.32
CA TRP A 318 10.74 15.15 2.92
C TRP A 318 9.45 15.30 2.14
N THR A 319 8.50 16.14 2.60
CA THR A 319 7.24 16.33 1.87
C THR A 319 7.54 16.80 0.43
N GLY A 320 8.57 17.66 0.25
CA GLY A 320 9.02 18.10 -1.06
C GLY A 320 9.49 16.94 -1.91
N ASN A 321 10.33 16.11 -1.30
CA ASN A 321 10.93 14.97 -1.97
C ASN A 321 9.83 14.02 -2.42
N VAL A 322 8.95 13.70 -1.52
CA VAL A 322 7.82 12.81 -1.87
C VAL A 322 6.92 13.39 -2.94
N LYS A 323 6.69 14.68 -2.89
CA LYS A 323 5.85 15.30 -3.86
C LYS A 323 6.48 15.25 -5.26
N THR A 324 7.78 15.29 -5.35
CA THR A 324 8.42 15.18 -6.66
C THR A 324 8.12 13.84 -7.32
N MET A 325 8.10 12.77 -6.55
CA MET A 325 7.71 11.47 -7.09
C MET A 325 6.22 11.47 -7.49
N ALA A 326 5.35 11.90 -6.58
CA ALA A 326 3.99 11.91 -6.86
C ALA A 326 3.67 12.73 -8.12
N ASP A 327 4.32 13.88 -8.23
CA ASP A 327 4.07 14.75 -9.33
C ASP A 327 4.54 14.14 -10.67
N ARG A 328 5.64 13.42 -10.68
CA ARG A 328 6.09 12.78 -11.90
C ARG A 328 5.06 11.74 -12.35
N ILE A 329 4.59 10.92 -11.42
CA ILE A 329 3.50 9.99 -11.75
C ILE A 329 2.21 10.67 -12.25
N LEU A 330 1.80 11.75 -11.58
CA LEU A 330 0.63 12.44 -12.00
C LEU A 330 0.85 12.96 -13.43
N THR A 331 2.02 13.49 -13.72
CA THR A 331 2.33 13.99 -15.05
C THR A 331 2.25 12.88 -16.09
N MET A 332 2.81 11.75 -15.74
CA MET A 332 2.81 10.61 -16.67
C MET A 332 1.41 10.14 -16.90
N ARG A 333 0.52 10.11 -15.89
CA ARG A 333 -0.84 9.77 -16.15
C ARG A 333 -1.49 10.71 -17.16
N SER A 334 -1.37 12.01 -16.88
CA SER A 334 -1.89 13.00 -17.81
CA SER A 334 -1.90 13.02 -17.80
C SER A 334 -1.37 12.84 -19.24
N GLU A 335 -0.08 12.64 -19.36
CA GLU A 335 0.54 12.50 -20.69
C GLU A 335 0.09 11.24 -21.41
N LEU A 336 -0.01 10.15 -20.67
CA LEU A 336 -0.50 8.93 -21.32
C LEU A 336 -1.90 9.08 -21.83
N ARG A 337 -2.83 9.55 -20.98
CA ARG A 337 -4.25 9.78 -21.32
C ARG A 337 -4.30 10.68 -22.57
N ALA A 338 -3.56 11.78 -22.54
CA ALA A 338 -3.62 12.79 -23.67
C ALA A 338 -3.18 12.13 -24.94
N ARG A 339 -2.13 11.31 -24.87
CA ARG A 339 -1.59 10.64 -26.06
C ARG A 339 -2.58 9.60 -26.57
N LEU A 340 -3.16 8.82 -25.68
CA LEU A 340 -4.18 7.83 -26.11
C LEU A 340 -5.41 8.48 -26.77
N GLU A 341 -5.85 9.61 -26.22
CA GLU A 341 -7.01 10.32 -26.78
C GLU A 341 -6.66 10.96 -28.13
N ALA A 342 -5.47 11.53 -28.21
CA ALA A 342 -4.94 12.11 -29.51
C ALA A 342 -4.85 11.06 -30.65
N LEU A 343 -4.63 9.79 -30.30
CA LEU A 343 -4.59 8.68 -31.23
C LEU A 343 -5.99 8.14 -31.56
N LYS A 344 -7.05 8.71 -31.00
CA LYS A 344 -8.38 8.23 -31.23
C LYS A 344 -8.51 6.76 -30.79
N THR A 345 -7.88 6.44 -29.65
CA THR A 345 -8.03 5.12 -29.14
C THR A 345 -9.45 4.83 -28.69
N PRO A 346 -10.04 3.71 -29.19
CA PRO A 346 -11.35 3.33 -28.74
C PRO A 346 -11.46 3.20 -27.19
N GLY A 347 -12.62 3.48 -26.65
CA GLY A 347 -12.84 3.40 -25.23
C GLY A 347 -12.65 4.75 -24.61
N THR A 348 -13.01 4.82 -23.32
CA THR A 348 -12.76 5.97 -22.50
C THR A 348 -11.43 5.73 -21.73
N TRP A 349 -10.78 6.82 -21.40
CA TRP A 349 -9.41 6.79 -20.79
C TRP A 349 -9.33 7.69 -19.58
N ILE A 350 -10.48 8.17 -19.11
CA ILE A 350 -10.47 8.99 -17.91
C ILE A 350 -9.96 8.22 -16.68
N HIS A 351 -10.03 6.90 -16.72
CA HIS A 351 -9.56 6.09 -15.60
C HIS A 351 -8.05 6.27 -15.36
N ILE A 352 -7.31 6.57 -16.40
CA ILE A 352 -5.90 6.72 -16.29
C ILE A 352 -5.57 7.89 -15.38
N THR A 353 -6.35 8.98 -15.46
CA THR A 353 -6.17 10.10 -14.57
C THR A 353 -7.07 10.18 -13.35
N ASP A 354 -8.17 9.40 -13.33
CA ASP A 354 -9.01 9.30 -12.10
C ASP A 354 -8.27 8.51 -11.02
N GLN A 355 -7.48 7.52 -11.46
CA GLN A 355 -6.75 6.68 -10.54
C GLN A 355 -5.61 7.47 -9.89
N ILE A 356 -5.18 7.02 -8.71
CA ILE A 356 -4.11 7.59 -8.04
C ILE A 356 -3.09 6.60 -7.50
N GLY A 357 -1.83 7.07 -7.51
CA GLY A 357 -0.71 6.30 -7.05
C GLY A 357 0.14 5.69 -8.14
N MET A 358 1.03 4.81 -7.76
CA MET A 358 2.06 4.33 -8.71
C MET A 358 1.50 3.29 -9.68
N PHE A 359 0.39 2.67 -9.31
CA PHE A 359 -0.19 1.56 -10.08
C PHE A 359 -1.48 1.96 -10.80
N SER A 360 -1.63 1.49 -12.03
CA SER A 360 -2.84 1.74 -12.79
C SER A 360 -3.37 0.46 -13.44
N PHE A 361 -4.65 0.18 -13.24
CA PHE A 361 -5.39 -0.84 -14.07
C PHE A 361 -5.73 -0.07 -15.33
N THR A 362 -4.97 -0.36 -16.36
CA THR A 362 -5.21 0.27 -17.65
C THR A 362 -6.51 -0.14 -18.34
N GLY A 363 -7.17 -1.24 -17.92
CA GLY A 363 -8.41 -1.62 -18.54
C GLY A 363 -8.20 -2.53 -19.75
N LEU A 364 -6.95 -2.80 -20.15
CA LEU A 364 -6.69 -3.76 -21.20
C LEU A 364 -7.12 -5.19 -20.76
N ASN A 365 -7.55 -6.01 -21.69
CA ASN A 365 -7.84 -7.43 -21.35
C ASN A 365 -6.58 -8.28 -21.52
N PRO A 366 -6.60 -9.57 -21.09
CA PRO A 366 -5.37 -10.29 -21.12
C PRO A 366 -4.73 -10.49 -22.50
N LYS A 367 -5.53 -10.68 -23.52
CA LYS A 367 -4.99 -10.83 -24.86
C LYS A 367 -4.31 -9.55 -25.39
N GLN A 368 -4.87 -8.44 -25.01
CA GLN A 368 -4.28 -7.08 -25.29
C GLN A 368 -2.96 -6.96 -24.59
N VAL A 369 -2.92 -7.36 -23.32
CA VAL A 369 -1.65 -7.42 -22.63
C VAL A 369 -0.64 -8.33 -23.30
N GLU A 370 -1.11 -9.53 -23.70
CA GLU A 370 -0.23 -10.47 -24.36
C GLU A 370 0.43 -9.87 -25.63
N TYR A 371 -0.39 -9.11 -26.39
CA TYR A 371 0.11 -8.34 -27.61
C TYR A 371 1.24 -7.35 -27.16
N LEU A 372 0.98 -6.61 -26.10
CA LEU A 372 2.03 -5.74 -25.61
C LEU A 372 3.33 -6.41 -25.21
N VAL A 373 3.26 -7.51 -24.47
CA VAL A 373 4.41 -8.17 -23.95
C VAL A 373 5.19 -8.81 -25.09
N ASN A 374 4.48 -9.61 -25.84
CA ASN A 374 5.10 -10.47 -26.86
C ASN A 374 5.43 -9.81 -28.20
N GLU A 375 4.57 -8.92 -28.66
CA GLU A 375 4.84 -8.22 -29.93
C GLU A 375 5.58 -6.90 -29.73
N LYS A 376 5.23 -6.17 -28.67
CA LYS A 376 5.84 -4.85 -28.45
C LYS A 376 6.88 -4.80 -27.33
N HIS A 377 7.06 -5.90 -26.57
CA HIS A 377 8.10 -5.98 -25.59
C HIS A 377 7.91 -4.93 -24.44
N ILE A 378 6.65 -4.65 -24.20
CA ILE A 378 6.22 -3.80 -23.06
C ILE A 378 5.71 -4.78 -21.95
N TYR A 379 6.39 -4.79 -20.80
CA TYR A 379 6.18 -5.87 -19.76
C TYR A 379 5.23 -5.35 -18.72
N LEU A 380 4.06 -5.96 -18.64
CA LEU A 380 3.07 -5.57 -17.58
C LEU A 380 2.31 -6.81 -17.23
N LEU A 381 1.50 -6.70 -16.20
CA LEU A 381 0.71 -7.88 -15.78
C LEU A 381 -0.51 -8.11 -16.63
N PRO A 382 -0.93 -9.41 -16.76
CA PRO A 382 -2.16 -9.72 -17.45
C PRO A 382 -3.42 -9.10 -17.00
N SER A 383 -3.53 -8.62 -15.76
CA SER A 383 -4.64 -7.86 -15.29
C SER A 383 -4.77 -6.48 -15.95
N GLY A 384 -3.68 -6.06 -16.57
CA GLY A 384 -3.64 -4.70 -17.11
C GLY A 384 -2.93 -3.72 -16.21
N ARG A 385 -2.46 -4.18 -15.05
CA ARG A 385 -1.72 -3.32 -14.11
CA ARG A 385 -1.74 -3.29 -14.14
C ARG A 385 -0.40 -2.86 -14.67
N ILE A 386 -0.18 -1.55 -14.62
CA ILE A 386 1.14 -0.98 -14.93
C ILE A 386 1.67 -0.18 -13.71
N ASN A 387 2.97 -0.15 -13.55
CA ASN A 387 3.68 0.81 -12.70
C ASN A 387 3.80 2.08 -13.63
N VAL A 388 3.12 3.14 -13.19
CA VAL A 388 3.07 4.39 -13.99
C VAL A 388 4.41 5.05 -13.99
N SER A 389 5.23 4.83 -12.94
CA SER A 389 6.61 5.31 -13.00
C SER A 389 7.56 4.62 -13.95
N GLY A 390 7.12 3.53 -14.57
CA GLY A 390 7.90 2.98 -15.67
C GLY A 390 7.79 3.77 -16.98
N LEU A 391 6.82 4.70 -17.04
CA LEU A 391 6.61 5.66 -18.17
C LEU A 391 7.64 6.80 -18.05
N THR A 392 8.20 7.17 -19.19
CA THR A 392 9.25 8.24 -19.20
C THR A 392 8.88 9.16 -20.40
N THR A 393 9.47 10.38 -20.40
CA THR A 393 9.34 11.24 -21.56
C THR A 393 9.80 10.53 -22.82
N LYS A 394 10.73 9.60 -22.71
CA LYS A 394 11.31 8.93 -23.86
C LYS A 394 10.50 7.78 -24.38
N ASN A 395 9.78 7.09 -23.49
CA ASN A 395 8.97 5.94 -23.95
C ASN A 395 7.45 6.17 -24.09
N LEU A 396 6.92 7.32 -23.71
CA LEU A 396 5.47 7.52 -23.68
C LEU A 396 4.86 7.28 -25.01
N ASP A 397 5.45 7.82 -26.07
CA ASP A 397 4.82 7.64 -27.38
C ASP A 397 4.80 6.19 -27.83
N TYR A 398 5.91 5.48 -27.61
CA TYR A 398 5.97 4.05 -27.90
C TYR A 398 4.91 3.27 -27.13
N VAL A 399 4.77 3.58 -25.83
CA VAL A 399 3.75 2.90 -25.07
C VAL A 399 2.33 3.23 -25.53
N ALA A 400 2.05 4.51 -25.81
CA ALA A 400 0.72 4.92 -26.20
C ALA A 400 0.35 4.33 -27.59
N THR A 401 1.29 4.35 -28.52
CA THR A 401 1.13 3.76 -29.86
C THR A 401 0.83 2.31 -29.73
N SER A 402 1.54 1.70 -28.82
CA SER A 402 1.41 0.23 -28.62
C SER A 402 0.09 -0.17 -28.01
N ILE A 403 -0.38 0.60 -27.05
CA ILE A 403 -1.69 0.41 -26.51
C ILE A 403 -2.78 0.62 -27.57
N HIS A 404 -2.60 1.70 -28.35
CA HIS A 404 -3.56 1.93 -29.42
C HIS A 404 -3.67 0.70 -30.34
N GLU A 405 -2.53 0.17 -30.77
CA GLU A 405 -2.48 -1.03 -31.60
C GLU A 405 -3.14 -2.20 -30.91
N ALA A 406 -2.86 -2.40 -29.62
CA ALA A 406 -3.54 -3.47 -28.89
C ALA A 406 -5.06 -3.37 -28.91
N VAL A 407 -5.61 -2.21 -28.60
CA VAL A 407 -7.07 -2.07 -28.47
C VAL A 407 -7.78 -2.16 -29.85
N THR A 408 -7.07 -1.75 -30.89
CA THR A 408 -7.68 -1.68 -32.23
C THR A 408 -7.44 -3.02 -32.98
N LYS A 409 -6.35 -3.74 -32.70
CA LYS A 409 -6.10 -5.05 -33.34
C LYS A 409 -6.69 -6.26 -32.62
N ILE A 410 -6.90 -6.16 -31.29
CA ILE A 410 -7.22 -7.34 -30.45
C ILE A 410 -8.56 -7.19 -29.79
N GLN A 411 -9.43 -8.15 -30.11
CA GLN A 411 -10.60 -8.63 -29.35
C GLN A 411 -11.86 -8.52 -30.20
C4 PG4 B . -12.46 7.02 -32.20
O3 PG4 B . -12.43 7.28 -30.79
C5 PG4 B . -13.46 6.54 -30.13
C6 PG4 B . -13.37 6.80 -28.62
O4 PG4 B . -14.45 6.25 -27.83
C7 PG4 B . -15.22 5.16 -28.38
C8 PG4 B . -16.01 4.39 -27.33
O5 PG4 B . -15.89 2.99 -27.67
O1 PG4 C . 0.49 14.67 11.09
C1 PG4 C . 0.93 15.39 9.94
C2 PG4 C . 2.43 15.61 10.10
O2 PG4 C . 2.94 15.21 11.39
C3 PG4 C . 4.36 15.38 11.51
C4 PG4 C . 5.01 14.10 11.03
O3 PG4 C . 4.75 12.96 11.90
C1 GOL D . 7.08 -3.83 1.66
O1 GOL D . 7.28 -2.59 1.00
C2 GOL D . 6.52 -3.61 3.07
O2 GOL D . 6.09 -2.35 3.54
C3 GOL D . 5.26 -4.44 3.11
O3 GOL D . 5.83 -5.49 3.83
C1 GOL E . -14.87 -0.61 15.39
O1 GOL E . -15.68 -1.61 16.03
C2 GOL E . -15.63 0.64 14.92
O2 GOL E . -15.48 1.71 15.85
C3 GOL E . -17.15 0.48 14.79
O3 GOL E . -17.57 -0.16 13.59
C1 GOL F . 10.22 -16.78 18.26
O1 GOL F . 11.29 -15.84 18.10
C2 GOL F . 9.59 -16.97 16.87
O2 GOL F . 9.35 -15.67 16.34
C3 GOL F . 8.29 -17.78 16.84
O3 GOL F . 8.21 -18.76 17.89
P PO4 G . 12.33 12.27 -9.52
O1 PO4 G . 11.55 13.51 -10.01
O2 PO4 G . 11.89 11.91 -8.11
O3 PO4 G . 13.86 12.44 -9.50
O4 PO4 G . 12.12 11.21 -10.51
#